data_7OA6
#
_entry.id   7OA6
#
_entity_poly.entity_id   1
_entity_poly.type   'polypeptide(L)'
_entity_poly.pdbx_seq_one_letter_code
;MSFNSPFFDFFDNINNEVDAFNRLLGEGGLRGYAPRRQLANTPAKDSTGKEVARPNNYAGALYDPRDETLDDWFDNDLSL
FPSGFGFPRSVAVPVDILDHDNNYELKVVVPGVKSKKDIDIEYHQNKNQILVSGEIPSTLNEESKDKVKVKESSSGKFKR
VITLPDYPGVDADNIKADYANGVLTLTVPKLKPQKDGKNHVKKIEVSSQESWGN
;
_entity_poly.pdbx_strand_id   A,B,I,J,X
#
# COMPACT_ATOMS: atom_id res chain seq x y z
N TYR A 63 15.96 -25.09 24.55
CA TYR A 63 14.62 -25.05 25.20
C TYR A 63 13.59 -25.38 24.14
N ASP A 64 12.31 -24.96 24.35
CA ASP A 64 11.22 -25.17 23.43
C ASP A 64 11.42 -24.54 22.06
N PRO A 65 11.89 -23.29 21.84
CA PRO A 65 12.16 -22.75 20.50
C PRO A 65 13.23 -23.54 19.79
N ARG A 66 13.14 -23.66 18.45
CA ARG A 66 14.11 -24.33 17.62
C ARG A 66 15.45 -23.66 17.66
N ASP A 67 15.46 -22.30 17.59
CA ASP A 67 16.66 -21.50 17.65
C ASP A 67 17.39 -21.66 18.96
N GLU A 68 16.64 -21.72 20.10
CA GLU A 68 17.22 -21.87 21.42
C GLU A 68 17.88 -23.22 21.62
N THR A 69 17.23 -24.33 21.16
CA THR A 69 17.79 -25.66 21.29
C THR A 69 18.98 -25.85 20.35
N LEU A 70 18.98 -25.17 19.17
CA LEU A 70 20.13 -25.10 18.29
C LEU A 70 21.29 -24.38 18.93
N ASP A 71 21.02 -23.25 19.63
CA ASP A 71 22.01 -22.48 20.33
C ASP A 71 22.67 -23.27 21.45
N ASP A 72 21.87 -24.10 22.16
CA ASP A 72 22.32 -25.05 23.15
C ASP A 72 23.08 -26.23 22.56
N TRP A 73 22.90 -26.51 21.24
CA TRP A 73 23.52 -27.60 20.53
C TRP A 73 24.87 -27.18 20.00
N PHE A 74 25.28 -25.91 20.23
CA PHE A 74 26.58 -25.38 19.87
C PHE A 74 27.60 -25.65 20.94
N ASP A 75 27.37 -26.71 21.75
CA ASP A 75 28.30 -27.18 22.74
C ASP A 75 29.18 -28.14 22.00
N ASN A 76 30.36 -27.65 21.57
CA ASN A 76 31.34 -28.41 20.83
C ASN A 76 32.65 -28.33 21.56
N ASP A 77 32.73 -27.43 22.55
CA ASP A 77 33.82 -27.38 23.49
C ASP A 77 33.33 -26.60 24.68
N LEU A 78 32.25 -25.80 24.50
CA LEU A 78 31.46 -25.24 25.56
C LEU A 78 30.24 -24.76 24.86
N SER A 79 29.09 -24.73 25.56
CA SER A 79 27.84 -24.21 25.05
C SER A 79 27.94 -22.74 24.74
N LEU A 80 27.22 -22.30 23.69
CA LEU A 80 27.28 -20.94 23.20
C LEU A 80 25.99 -20.31 23.59
N PHE A 81 26.08 -19.12 24.23
CA PHE A 81 24.96 -18.31 24.62
C PHE A 81 25.51 -16.91 24.59
N PRO A 82 24.71 -15.85 24.33
CA PRO A 82 25.14 -14.46 24.26
C PRO A 82 26.10 -14.01 25.33
N SER A 83 27.22 -13.36 24.92
CA SER A 83 28.25 -12.84 25.79
C SER A 83 27.75 -11.76 26.71
N GLY A 84 26.91 -10.84 26.15
CA GLY A 84 26.29 -9.76 26.88
C GLY A 84 26.54 -8.48 26.14
N PHE A 85 27.11 -8.55 24.92
CA PHE A 85 27.37 -7.38 24.13
C PHE A 85 27.20 -7.80 22.70
N GLY A 86 27.09 -6.80 21.80
CA GLY A 86 26.98 -7.02 20.39
C GLY A 86 27.07 -5.68 19.77
N PHE A 87 27.91 -5.57 18.71
CA PHE A 87 28.20 -4.34 18.00
C PHE A 87 26.97 -3.88 17.25
N PRO A 88 26.70 -2.57 17.05
CA PRO A 88 25.49 -2.01 16.46
C PRO A 88 24.95 -2.73 15.25
N ARG A 89 23.62 -3.00 15.21
CA ARG A 89 23.05 -3.81 14.18
C ARG A 89 21.82 -3.11 13.68
N SER A 90 21.71 -3.02 12.32
CA SER A 90 20.57 -2.50 11.61
C SER A 90 20.24 -3.59 10.62
N VAL A 91 19.01 -4.13 10.72
CA VAL A 91 18.58 -5.31 9.93
C VAL A 91 19.23 -6.50 10.66
N ALA A 92 18.52 -7.17 11.60
CA ALA A 92 19.15 -8.17 12.43
C ALA A 92 19.56 -9.40 11.65
N VAL A 93 20.89 -9.58 11.47
CA VAL A 93 21.48 -10.74 10.83
C VAL A 93 22.75 -10.94 11.63
N PRO A 94 23.10 -12.13 12.15
CA PRO A 94 24.33 -12.37 12.92
C PRO A 94 25.58 -12.20 12.08
N VAL A 95 26.76 -12.09 12.73
CA VAL A 95 28.05 -12.02 12.07
C VAL A 95 28.93 -12.95 12.87
N ASP A 96 29.93 -13.60 12.20
CA ASP A 96 30.82 -14.56 12.83
C ASP A 96 32.20 -13.97 12.81
N ILE A 97 32.98 -14.17 13.91
CA ILE A 97 34.36 -13.79 14.00
C ILE A 97 35.10 -15.05 14.36
N LEU A 98 36.34 -15.24 13.82
CA LEU A 98 37.27 -16.22 14.31
C LEU A 98 38.50 -15.46 14.66
N ASP A 99 38.92 -15.54 15.95
CA ASP A 99 39.97 -14.73 16.51
C ASP A 99 41.21 -15.57 16.57
N HIS A 100 42.33 -15.01 16.08
CA HIS A 100 43.63 -15.63 16.15
C HIS A 100 44.58 -14.47 16.10
N ASP A 101 45.90 -14.74 16.27
CA ASP A 101 46.92 -13.74 16.12
C ASP A 101 47.75 -14.02 14.88
N ASN A 102 47.35 -15.02 14.06
CA ASN A 102 47.95 -15.25 12.76
C ASN A 102 47.01 -14.80 11.67
N ASN A 103 45.69 -14.74 11.95
CA ASN A 103 44.72 -14.19 11.03
C ASN A 103 43.51 -13.80 11.84
N TYR A 104 42.61 -13.02 11.23
CA TYR A 104 41.33 -12.69 11.80
C TYR A 104 40.37 -12.83 10.67
N GLU A 105 39.41 -13.77 10.85
CA GLU A 105 38.53 -14.23 9.80
C GLU A 105 37.18 -13.72 10.21
N LEU A 106 36.52 -12.97 9.29
CA LEU A 106 35.29 -12.26 9.60
C LEU A 106 34.38 -12.49 8.43
N LYS A 107 33.24 -13.17 8.70
CA LYS A 107 32.23 -13.47 7.71
C LYS A 107 31.05 -12.63 8.07
N VAL A 108 30.85 -11.54 7.32
CA VAL A 108 29.71 -10.65 7.47
C VAL A 108 28.60 -11.32 6.70
N VAL A 109 27.56 -11.83 7.40
CA VAL A 109 26.48 -12.54 6.75
C VAL A 109 25.59 -11.47 6.16
N VAL A 110 25.44 -11.53 4.82
CA VAL A 110 24.73 -10.54 4.05
C VAL A 110 23.34 -11.09 3.76
N PRO A 111 22.26 -10.31 3.85
CA PRO A 111 20.93 -10.76 3.48
C PRO A 111 20.66 -10.52 2.01
N GLY A 112 21.29 -11.33 1.12
CA GLY A 112 20.99 -11.45 -0.30
C GLY A 112 20.93 -10.18 -1.11
N VAL A 113 22.05 -9.42 -1.19
CA VAL A 113 22.17 -8.26 -2.06
C VAL A 113 22.53 -8.71 -3.46
N LYS A 114 21.69 -8.33 -4.45
CA LYS A 114 21.89 -8.60 -5.87
C LYS A 114 23.12 -7.92 -6.39
N SER A 115 23.41 -6.69 -5.88
CA SER A 115 24.55 -5.88 -6.22
C SER A 115 25.79 -6.49 -5.60
N LYS A 116 26.97 -6.02 -6.07
CA LYS A 116 28.23 -6.44 -5.53
C LYS A 116 29.24 -5.39 -5.89
N LYS A 117 28.75 -4.19 -6.30
CA LYS A 117 29.58 -3.06 -6.62
C LYS A 117 29.10 -1.86 -5.85
N ASP A 118 27.93 -1.98 -5.16
CA ASP A 118 27.29 -0.86 -4.51
C ASP A 118 27.51 -0.95 -3.01
N ILE A 119 28.11 -2.06 -2.53
CA ILE A 119 28.36 -2.31 -1.13
C ILE A 119 29.81 -1.95 -0.93
N ASP A 120 30.10 -1.19 0.16
CA ASP A 120 31.39 -0.58 0.37
C ASP A 120 31.97 -1.16 1.64
N ILE A 121 33.30 -1.39 1.63
CA ILE A 121 34.07 -1.88 2.74
C ILE A 121 35.20 -0.89 2.86
N GLU A 122 35.47 -0.40 4.09
CA GLU A 122 36.50 0.58 4.34
C GLU A 122 37.05 0.29 5.71
N TYR A 123 38.31 0.69 5.95
CA TYR A 123 38.93 0.57 7.25
C TYR A 123 39.29 1.97 7.65
N HIS A 124 39.13 2.25 8.96
CA HIS A 124 39.53 3.46 9.63
C HIS A 124 40.68 3.07 10.47
N GLN A 125 41.91 3.47 10.08
CA GLN A 125 43.11 3.20 10.82
C GLN A 125 43.28 4.16 11.97
N ASN A 126 42.54 5.31 11.95
CA ASN A 126 42.60 6.31 12.99
C ASN A 126 41.81 5.92 14.20
N LYS A 127 40.69 5.17 14.03
CA LYS A 127 39.85 4.74 15.13
C LYS A 127 39.93 3.26 15.35
N ASN A 128 40.57 2.52 14.43
CA ASN A 128 40.76 1.08 14.47
C ASN A 128 39.45 0.33 14.43
N GLN A 129 38.55 0.73 13.51
CA GLN A 129 37.25 0.12 13.34
C GLN A 129 37.16 -0.25 11.89
N ILE A 130 36.71 -1.50 11.59
CA ILE A 130 36.40 -1.92 10.24
C ILE A 130 34.97 -1.50 9.98
N LEU A 131 34.71 -0.89 8.79
CA LEU A 131 33.44 -0.31 8.44
C LEU A 131 32.97 -0.97 7.17
N VAL A 132 31.75 -1.53 7.18
CA VAL A 132 31.14 -2.14 6.02
C VAL A 132 29.76 -1.55 5.98
N SER A 133 29.26 -1.14 4.80
CA SER A 133 27.94 -0.54 4.76
C SER A 133 27.46 -0.68 3.35
N GLY A 134 26.12 -0.54 3.16
CA GLY A 134 25.54 -0.58 1.85
C GLY A 134 24.06 -0.48 1.98
N GLU A 135 23.35 -0.68 0.85
CA GLU A 135 21.90 -0.65 0.77
C GLU A 135 21.44 -2.08 0.58
N ILE A 136 20.18 -2.36 1.02
CA ILE A 136 19.49 -3.59 0.73
C ILE A 136 18.68 -3.25 -0.51
N PRO A 137 18.68 -4.05 -1.58
CA PRO A 137 18.03 -3.68 -2.83
C PRO A 137 16.58 -4.08 -2.73
N SER A 138 15.69 -3.09 -2.85
CA SER A 138 14.27 -3.27 -2.67
C SER A 138 13.62 -3.41 -4.01
N THR A 139 12.37 -3.94 -4.00
CA THR A 139 11.57 -4.19 -5.18
C THR A 139 10.94 -2.90 -5.63
N LEU A 140 10.37 -2.90 -6.85
CA LEU A 140 9.68 -1.75 -7.40
C LEU A 140 8.35 -2.24 -7.92
N ASN A 141 7.45 -1.26 -8.17
CA ASN A 141 6.10 -1.44 -8.63
C ASN A 141 6.08 -0.57 -9.85
N GLU A 142 5.72 -1.15 -11.01
CA GLU A 142 5.83 -0.50 -12.29
C GLU A 142 4.60 -0.84 -13.08
N GLU A 143 4.62 -1.95 -13.86
CA GLU A 143 3.41 -2.44 -14.49
C GLU A 143 3.55 -3.92 -14.74
N SER A 144 4.81 -4.41 -14.81
CA SER A 144 5.13 -5.82 -14.89
C SER A 144 5.74 -6.17 -13.56
N LYS A 145 5.65 -5.25 -12.58
CA LYS A 145 5.99 -5.50 -11.22
C LYS A 145 4.78 -4.94 -10.51
N ASP A 146 3.99 -5.80 -9.83
CA ASP A 146 2.82 -5.37 -9.11
C ASP A 146 2.94 -6.04 -7.77
N LYS A 147 3.32 -5.25 -6.74
CA LYS A 147 3.49 -5.73 -5.39
C LYS A 147 2.20 -6.21 -4.81
N VAL A 148 2.29 -7.28 -3.98
CA VAL A 148 1.19 -7.81 -3.24
C VAL A 148 1.56 -7.52 -1.82
N LYS A 149 2.45 -8.35 -1.20
CA LYS A 149 2.99 -8.09 0.11
C LYS A 149 4.39 -8.61 0.14
N VAL A 150 5.28 -7.87 0.83
CA VAL A 150 6.69 -8.17 0.98
C VAL A 150 7.07 -7.55 2.29
N LYS A 151 8.17 -8.02 2.93
CA LYS A 151 8.54 -7.57 4.25
C LYS A 151 10.01 -7.75 4.49
N GLU A 152 10.80 -8.10 3.45
CA GLU A 152 12.25 -8.03 3.49
C GLU A 152 12.65 -6.60 3.22
N SER A 153 13.86 -6.22 3.72
CA SER A 153 14.43 -4.89 3.65
C SER A 153 13.74 -4.00 4.66
N SER A 154 13.78 -4.40 5.95
CA SER A 154 13.15 -3.69 7.04
C SER A 154 13.70 -2.28 7.20
N SER A 155 15.04 -2.13 7.05
CA SER A 155 15.68 -0.85 6.86
C SER A 155 16.41 -1.00 5.56
N GLY A 156 16.42 0.09 4.75
CA GLY A 156 17.04 0.11 3.45
C GLY A 156 18.53 0.32 3.56
N LYS A 157 18.99 0.91 4.68
CA LYS A 157 20.38 1.20 4.95
C LYS A 157 20.83 0.24 6.00
N PHE A 158 21.99 -0.44 5.76
CA PHE A 158 22.63 -1.24 6.78
C PHE A 158 24.04 -0.71 6.87
N LYS A 159 24.64 -0.79 8.09
CA LYS A 159 25.90 -0.13 8.38
C LYS A 159 26.53 -0.88 9.52
N ARG A 160 27.74 -1.43 9.28
CA ARG A 160 28.42 -2.37 10.16
C ARG A 160 29.65 -1.68 10.66
N VAL A 161 29.72 -1.51 12.00
CA VAL A 161 30.89 -1.05 12.69
C VAL A 161 31.19 -2.16 13.67
N ILE A 162 32.49 -2.55 13.77
CA ILE A 162 32.92 -3.64 14.61
C ILE A 162 34.13 -3.09 15.32
N THR A 163 34.15 -3.26 16.67
CA THR A 163 35.29 -2.98 17.51
C THR A 163 35.99 -4.31 17.66
N LEU A 164 37.17 -4.47 17.00
CA LEU A 164 37.82 -5.75 16.82
C LEU A 164 38.33 -6.26 18.16
N PRO A 165 37.99 -7.47 18.62
CA PRO A 165 38.47 -8.00 19.89
C PRO A 165 39.47 -9.05 19.49
N ASP A 166 40.59 -8.65 18.84
CA ASP A 166 41.57 -9.57 18.30
C ASP A 166 42.93 -9.06 18.73
N TYR A 167 42.94 -8.11 19.71
CA TYR A 167 44.10 -7.50 20.34
C TYR A 167 44.66 -6.42 19.44
N PRO A 168 45.36 -5.40 19.96
CA PRO A 168 45.95 -4.34 19.16
C PRO A 168 47.19 -4.92 18.53
N GLY A 169 47.42 -4.59 17.23
CA GLY A 169 48.49 -5.11 16.43
C GLY A 169 47.91 -5.62 15.14
N VAL A 170 46.57 -5.50 14.97
CA VAL A 170 45.88 -5.88 13.76
C VAL A 170 46.32 -5.01 12.60
N ASP A 171 46.49 -5.60 11.41
CA ASP A 171 46.85 -4.90 10.21
C ASP A 171 45.75 -5.24 9.25
N ALA A 172 44.86 -4.26 9.01
CA ALA A 172 43.66 -4.44 8.21
C ALA A 172 43.78 -3.61 6.96
N ASP A 173 45.04 -3.34 6.54
CA ASP A 173 45.35 -2.68 5.30
C ASP A 173 45.75 -3.76 4.31
N ASN A 174 45.72 -5.04 4.77
CA ASN A 174 46.04 -6.20 3.98
C ASN A 174 44.79 -7.05 3.88
N ILE A 175 43.62 -6.52 4.31
CA ILE A 175 42.32 -7.14 4.25
C ILE A 175 41.94 -7.45 2.82
N LYS A 176 41.24 -8.58 2.59
CA LYS A 176 40.80 -8.98 1.28
C LYS A 176 39.31 -9.10 1.35
N ALA A 177 38.63 -8.65 0.26
CA ALA A 177 37.20 -8.61 0.15
C ALA A 177 36.78 -9.42 -1.04
N ASP A 178 35.77 -10.30 -0.87
CA ASP A 178 35.20 -11.02 -1.98
C ASP A 178 33.81 -11.35 -1.51
N TYR A 179 32.84 -11.40 -2.46
CA TYR A 179 31.46 -11.70 -2.17
C TYR A 179 31.16 -12.92 -2.98
N ALA A 180 30.64 -13.98 -2.32
CA ALA A 180 30.27 -15.19 -3.00
C ALA A 180 29.24 -15.86 -2.16
N ASN A 181 28.36 -16.66 -2.81
CA ASN A 181 27.34 -17.50 -2.22
C ASN A 181 26.19 -16.73 -1.56
N GLY A 182 26.34 -15.40 -1.40
CA GLY A 182 25.39 -14.54 -0.74
C GLY A 182 25.95 -14.13 0.59
N VAL A 183 27.28 -14.28 0.80
CA VAL A 183 27.91 -13.94 2.05
C VAL A 183 29.18 -13.20 1.70
N LEU A 184 29.48 -12.12 2.46
CA LEU A 184 30.70 -11.36 2.35
C LEU A 184 31.71 -12.03 3.24
N THR A 185 32.93 -12.25 2.72
CA THR A 185 33.98 -12.93 3.42
C THR A 185 35.14 -11.97 3.50
N LEU A 186 35.68 -11.77 4.72
CA LEU A 186 36.78 -10.85 4.95
C LEU A 186 37.78 -11.61 5.78
N THR A 187 39.05 -11.61 5.35
CA THR A 187 40.11 -12.27 6.08
C THR A 187 41.16 -11.20 6.22
N VAL A 188 41.56 -10.94 7.48
CA VAL A 188 42.56 -9.94 7.80
C VAL A 188 43.80 -10.71 8.18
N PRO A 189 44.84 -10.86 7.37
CA PRO A 189 46.10 -11.50 7.77
C PRO A 189 46.83 -10.69 8.80
N LYS A 190 47.57 -11.36 9.70
CA LYS A 190 48.25 -10.77 10.81
C LYS A 190 49.69 -11.17 10.76
N LEU A 191 50.59 -10.23 11.12
CA LEU A 191 51.98 -10.50 11.41
C LEU A 191 52.14 -10.25 12.88
N LYS A 192 51.64 -9.09 13.35
CA LYS A 192 51.47 -8.77 14.74
C LYS A 192 50.01 -9.02 15.02
N PRO A 193 49.52 -9.28 16.23
CA PRO A 193 50.26 -9.35 17.48
C PRO A 193 51.23 -10.50 17.55
N GLN A 194 52.44 -10.27 18.10
CA GLN A 194 53.30 -11.32 18.58
C GLN A 194 54.35 -10.68 19.43
N LYS A 195 54.48 -9.35 19.33
CA LYS A 195 55.17 -8.51 20.27
C LYS A 195 54.65 -7.15 19.93
N ASP A 196 54.72 -6.21 20.89
CA ASP A 196 54.32 -4.82 20.72
C ASP A 196 52.84 -4.72 20.42
N GLY A 197 52.04 -5.57 21.10
CA GLY A 197 50.61 -5.65 20.96
C GLY A 197 50.01 -5.00 22.15
N LYS A 198 49.39 -5.83 23.03
CA LYS A 198 48.79 -5.41 24.28
C LYS A 198 49.85 -5.13 25.31
N ASN A 199 51.07 -5.67 25.11
CA ASN A 199 52.19 -5.44 25.97
C ASN A 199 53.36 -5.49 25.04
N HIS A 200 54.41 -4.67 25.30
CA HIS A 200 55.56 -4.55 24.44
C HIS A 200 56.52 -5.61 24.84
N VAL A 201 56.56 -6.68 23.99
CA VAL A 201 57.16 -7.98 24.24
C VAL A 201 56.33 -8.67 25.31
N LYS A 202 55.58 -9.71 24.88
CA LYS A 202 54.58 -10.39 25.67
C LYS A 202 55.20 -11.08 26.85
N LYS A 203 54.47 -11.09 28.00
CA LYS A 203 54.92 -11.66 29.24
C LYS A 203 53.96 -12.74 29.62
N ILE A 204 54.50 -13.96 29.85
CA ILE A 204 53.77 -15.15 30.17
C ILE A 204 54.38 -15.62 31.47
N GLU A 205 53.52 -16.00 32.44
CA GLU A 205 53.91 -16.38 33.78
C GLU A 205 54.35 -17.82 33.73
N VAL A 206 55.59 -18.08 34.22
CA VAL A 206 56.23 -19.36 34.12
C VAL A 206 56.46 -19.90 35.52
N SER A 207 55.95 -19.19 36.56
CA SER A 207 56.08 -19.61 37.94
C SER A 207 55.05 -20.70 38.17
N SER A 208 55.53 -21.92 38.47
CA SER A 208 54.72 -23.09 38.51
C SER A 208 55.49 -24.13 39.27
N GLN A 209 54.89 -25.34 39.44
CA GLN A 209 55.45 -26.48 40.13
C GLN A 209 55.58 -26.17 41.60
N GLU A 210 56.53 -26.84 42.29
CA GLU A 210 56.76 -26.80 43.72
C GLU A 210 55.75 -27.71 44.34
N SER A 211 55.83 -29.01 43.99
CA SER A 211 54.97 -30.04 44.53
C SER A 211 55.87 -31.00 45.23
N TRP A 212 55.76 -31.04 46.58
CA TRP A 212 56.48 -31.93 47.45
C TRP A 212 55.92 -31.72 48.83
N GLY A 213 54.92 -30.83 48.99
CA GLY A 213 54.30 -30.51 50.25
C GLY A 213 55.04 -29.39 50.91
N ASN A 214 54.52 -28.92 52.07
CA ASN A 214 55.12 -27.84 52.81
C ASN A 214 54.71 -27.98 54.29
N TYR B 63 -0.76 9.41 13.31
CA TYR B 63 -0.47 8.04 13.71
C TYR B 63 -1.25 7.09 12.84
N ASP B 64 -2.46 7.47 12.43
CA ASP B 64 -3.25 6.62 11.50
C ASP B 64 -3.54 7.23 10.11
N PRO B 65 -2.53 7.80 9.44
CA PRO B 65 -2.71 8.41 8.13
C PRO B 65 -2.62 7.27 7.16
N ARG B 66 -3.74 6.85 6.57
CA ARG B 66 -3.59 5.66 5.75
C ARG B 66 -2.48 5.80 4.73
N ASP B 67 -2.28 7.04 4.21
CA ASP B 67 -1.19 7.40 3.33
C ASP B 67 0.16 7.18 3.96
N GLU B 68 0.42 7.67 5.22
CA GLU B 68 1.64 7.40 5.94
C GLU B 68 1.78 5.99 6.44
N THR B 69 0.68 5.25 6.68
CA THR B 69 0.71 3.85 7.05
C THR B 69 1.28 3.03 5.91
N LEU B 70 0.77 3.32 4.68
CA LEU B 70 1.22 2.70 3.47
C LEU B 70 2.60 3.16 3.09
N ASP B 71 2.98 4.40 3.46
CA ASP B 71 4.30 4.94 3.25
C ASP B 71 5.31 4.28 4.15
N ASP B 72 4.94 3.97 5.41
CA ASP B 72 5.77 3.28 6.39
C ASP B 72 5.99 1.83 6.01
N TRP B 73 4.95 1.18 5.44
CA TRP B 73 5.06 -0.11 4.76
C TRP B 73 6.01 -0.07 3.59
N PHE B 74 6.03 1.07 2.87
CA PHE B 74 6.79 1.34 1.69
C PHE B 74 8.07 2.07 1.99
N ASP B 75 8.45 2.18 3.28
CA ASP B 75 9.82 2.48 3.67
C ASP B 75 10.54 1.18 3.89
N ASN B 76 9.86 0.03 3.61
CA ASN B 76 10.45 -1.29 3.68
C ASN B 76 10.54 -1.85 2.29
N ASP B 77 10.21 -1.06 1.21
CA ASP B 77 10.33 -1.58 -0.13
C ASP B 77 10.35 -0.47 -1.17
N LEU B 78 10.05 0.79 -0.77
CA LEU B 78 10.32 2.00 -1.52
C LEU B 78 9.80 2.07 -2.95
N SER B 79 8.45 2.07 -3.14
CA SER B 79 7.89 2.29 -4.46
C SER B 79 6.47 2.80 -4.29
N LEU B 80 5.50 2.30 -5.09
CA LEU B 80 4.18 2.83 -5.24
C LEU B 80 3.18 2.17 -4.31
N PHE B 81 2.43 1.12 -4.76
CA PHE B 81 1.27 0.62 -4.04
C PHE B 81 1.22 -0.90 -3.99
N PRO B 82 0.55 -1.52 -3.01
CA PRO B 82 0.42 -2.97 -2.89
C PRO B 82 -0.90 -3.41 -3.49
N SER B 83 -1.16 -4.74 -3.51
CA SER B 83 -2.42 -5.33 -3.92
C SER B 83 -2.60 -6.55 -3.04
N GLY B 84 -3.61 -7.40 -3.35
CA GLY B 84 -3.93 -8.56 -2.54
C GLY B 84 -4.14 -9.74 -3.46
N PHE B 85 -3.57 -10.91 -3.06
CA PHE B 85 -3.71 -12.15 -3.77
C PHE B 85 -3.29 -13.24 -2.81
N GLY B 86 -3.88 -14.46 -2.94
CA GLY B 86 -3.48 -15.67 -2.24
C GLY B 86 -3.51 -15.52 -0.74
N PHE B 87 -2.44 -16.04 -0.07
CA PHE B 87 -1.99 -15.74 1.28
C PHE B 87 -1.89 -16.92 2.23
N PRO B 88 -2.68 -18.00 2.27
CA PRO B 88 -2.56 -19.05 3.28
C PRO B 88 -1.19 -19.68 3.41
N ARG B 89 -0.65 -19.73 4.64
CA ARG B 89 0.66 -20.27 4.92
C ARG B 89 0.64 -20.62 6.39
N SER B 90 1.45 -21.63 6.79
CA SER B 90 1.59 -22.06 8.16
C SER B 90 3.06 -22.14 8.45
N VAL B 91 3.56 -21.34 9.42
CA VAL B 91 4.95 -21.17 9.80
C VAL B 91 5.57 -20.19 8.86
N ALA B 92 5.89 -18.97 9.39
CA ALA B 92 6.38 -17.84 8.64
C ALA B 92 7.79 -18.07 8.18
N VAL B 93 8.08 -17.63 6.93
CA VAL B 93 9.39 -17.62 6.33
C VAL B 93 9.40 -16.33 5.55
N PRO B 94 10.54 -15.78 5.10
CA PRO B 94 10.59 -14.60 4.21
C PRO B 94 9.76 -14.76 2.96
N VAL B 95 9.00 -13.70 2.56
CA VAL B 95 8.07 -13.80 1.46
C VAL B 95 8.05 -12.47 0.74
N ASP B 96 8.09 -12.53 -0.61
CA ASP B 96 8.07 -11.37 -1.46
C ASP B 96 7.25 -11.81 -2.64
N ILE B 97 6.00 -11.30 -2.74
CA ILE B 97 5.04 -11.76 -3.70
C ILE B 97 4.88 -10.62 -4.68
N LEU B 98 5.42 -10.79 -5.91
CA LEU B 98 5.42 -9.74 -6.91
C LEU B 98 4.81 -10.35 -8.12
N ASP B 99 3.93 -9.61 -8.84
CA ASP B 99 3.07 -10.15 -9.87
C ASP B 99 3.35 -9.44 -11.17
N HIS B 100 3.75 -10.19 -12.22
CA HIS B 100 3.93 -9.70 -13.56
C HIS B 100 2.60 -9.73 -14.28
N ASP B 101 2.62 -10.03 -15.60
CA ASP B 101 1.45 -10.16 -16.46
C ASP B 101 0.53 -11.25 -16.00
N ASN B 102 1.10 -12.41 -15.59
CA ASN B 102 0.36 -13.44 -14.93
C ASN B 102 1.36 -14.34 -14.24
N ASN B 103 2.67 -14.22 -14.59
CA ASN B 103 3.76 -14.91 -13.94
C ASN B 103 3.92 -14.31 -12.58
N TYR B 104 4.06 -15.15 -11.52
CA TYR B 104 4.17 -14.64 -10.18
C TYR B 104 5.54 -15.00 -9.69
N GLU B 105 6.08 -14.12 -8.82
CA GLU B 105 7.43 -14.15 -8.36
C GLU B 105 7.39 -14.38 -6.88
N LEU B 106 8.35 -15.17 -6.38
CA LEU B 106 8.51 -15.41 -4.97
C LEU B 106 9.99 -15.38 -4.66
N LYS B 107 10.40 -14.63 -3.62
CA LYS B 107 11.79 -14.50 -3.23
C LYS B 107 11.83 -14.86 -1.78
N VAL B 108 12.67 -15.86 -1.44
CA VAL B 108 12.94 -16.24 -0.07
C VAL B 108 14.42 -16.04 0.06
N VAL B 109 14.84 -15.13 0.98
CA VAL B 109 16.23 -14.83 1.23
C VAL B 109 16.83 -15.97 2.03
N VAL B 110 18.03 -16.45 1.60
CA VAL B 110 18.79 -17.44 2.33
C VAL B 110 20.07 -16.74 2.74
N PRO B 111 20.68 -17.03 3.90
CA PRO B 111 21.85 -16.31 4.37
C PRO B 111 23.07 -17.11 3.97
N GLY B 112 23.12 -17.57 2.70
CA GLY B 112 24.13 -18.46 2.18
C GLY B 112 23.75 -19.87 2.54
N VAL B 113 24.17 -20.83 1.71
CA VAL B 113 23.86 -22.22 1.93
C VAL B 113 25.00 -22.99 1.32
N LYS B 114 25.39 -24.12 1.97
CA LYS B 114 26.44 -25.00 1.51
C LYS B 114 25.89 -25.82 0.38
N SER B 115 26.47 -25.65 -0.84
CA SER B 115 26.01 -26.18 -2.10
C SER B 115 24.59 -25.73 -2.42
N LYS B 116 23.97 -26.32 -3.46
CA LYS B 116 22.62 -26.00 -3.89
C LYS B 116 21.78 -27.25 -3.80
N LYS B 117 22.32 -28.31 -3.16
CA LYS B 117 21.70 -29.62 -3.09
C LYS B 117 20.93 -29.77 -1.80
N ASP B 118 20.79 -28.67 -1.03
CA ASP B 118 20.10 -28.68 0.24
C ASP B 118 18.72 -28.10 0.07
N ILE B 119 18.28 -27.84 -1.19
CA ILE B 119 17.03 -27.18 -1.49
C ILE B 119 16.40 -28.03 -2.56
N ASP B 120 15.06 -28.28 -2.43
CA ASP B 120 14.29 -29.03 -3.38
C ASP B 120 13.18 -28.12 -3.84
N ILE B 121 12.86 -28.18 -5.16
CA ILE B 121 11.79 -27.44 -5.80
C ILE B 121 11.03 -28.46 -6.59
N GLU B 122 9.72 -28.61 -6.32
CA GLU B 122 8.84 -29.50 -7.06
C GLU B 122 7.52 -28.80 -7.11
N TYR B 123 6.51 -29.39 -7.78
CA TYR B 123 5.17 -28.85 -7.84
C TYR B 123 4.30 -29.91 -7.21
N HIS B 124 3.44 -29.53 -6.21
CA HIS B 124 2.41 -30.36 -5.63
C HIS B 124 1.39 -30.80 -6.66
N GLN B 125 1.34 -32.12 -6.96
CA GLN B 125 0.49 -32.67 -7.98
C GLN B 125 -0.87 -33.05 -7.40
N ASN B 126 -1.08 -32.85 -6.07
CA ASN B 126 -2.31 -33.25 -5.42
C ASN B 126 -3.01 -32.07 -4.78
N LYS B 127 -2.50 -30.81 -4.95
CA LYS B 127 -3.07 -29.68 -4.26
C LYS B 127 -3.14 -28.49 -5.16
N ASN B 128 -2.37 -28.49 -6.27
CA ASN B 128 -2.22 -27.39 -7.21
C ASN B 128 -1.42 -26.28 -6.55
N GLN B 129 -0.41 -26.68 -5.73
CA GLN B 129 0.44 -25.80 -4.97
C GLN B 129 1.84 -26.07 -5.44
N ILE B 130 2.85 -25.38 -4.86
CA ILE B 130 4.23 -25.46 -5.29
C ILE B 130 5.00 -25.85 -4.06
N LEU B 131 5.82 -26.93 -4.20
CA LEU B 131 6.64 -27.49 -3.15
C LEU B 131 8.00 -26.85 -3.23
N VAL B 132 8.31 -25.99 -2.23
CA VAL B 132 9.56 -25.29 -2.11
C VAL B 132 10.03 -25.58 -0.72
N SER B 133 11.24 -26.20 -0.58
CA SER B 133 11.70 -26.64 0.71
C SER B 133 13.19 -26.53 0.70
N GLY B 134 13.80 -26.16 1.87
CA GLY B 134 15.24 -26.09 1.96
C GLY B 134 15.69 -26.10 3.39
N GLU B 135 17.03 -26.29 3.58
CA GLU B 135 17.65 -26.29 4.88
C GLU B 135 18.98 -25.62 4.67
N ILE B 136 19.41 -24.79 5.66
CA ILE B 136 20.69 -24.11 5.62
C ILE B 136 21.48 -24.64 6.79
N PRO B 137 22.61 -25.35 6.61
CA PRO B 137 23.43 -25.91 7.68
C PRO B 137 23.93 -24.90 8.68
N SER B 138 24.18 -25.35 9.92
CA SER B 138 24.73 -24.52 10.98
C SER B 138 26.22 -24.69 10.99
N THR B 139 26.95 -23.59 11.31
CA THR B 139 28.38 -23.61 11.55
C THR B 139 28.59 -24.26 12.89
N LEU B 140 29.39 -25.34 12.92
CA LEU B 140 29.45 -26.21 14.07
C LEU B 140 30.81 -26.85 14.03
N ASN B 141 31.32 -27.25 15.23
CA ASN B 141 32.60 -27.90 15.42
C ASN B 141 33.73 -27.03 14.98
N GLU B 142 33.77 -25.78 15.51
CA GLU B 142 34.73 -24.79 15.12
C GLU B 142 35.92 -24.95 16.04
N GLU B 143 37.12 -25.15 15.43
CA GLU B 143 38.35 -25.31 16.17
C GLU B 143 39.17 -24.05 16.01
N SER B 144 38.84 -23.21 15.00
CA SER B 144 39.46 -21.94 14.74
C SER B 144 39.25 -20.97 15.86
N LYS B 145 38.01 -20.93 16.41
CA LYS B 145 37.72 -20.13 17.56
C LYS B 145 36.70 -20.92 18.33
N ASP B 146 36.86 -20.94 19.67
CA ASP B 146 36.00 -21.56 20.64
C ASP B 146 34.62 -20.93 20.65
N LYS B 147 33.60 -21.74 21.03
CA LYS B 147 32.20 -21.38 21.05
C LYS B 147 31.88 -20.78 22.41
N VAL B 148 32.51 -19.64 22.78
CA VAL B 148 32.26 -18.97 24.04
C VAL B 148 31.91 -17.52 23.81
N LYS B 149 32.11 -17.00 22.57
CA LYS B 149 31.77 -15.63 22.23
C LYS B 149 31.37 -15.67 20.79
N VAL B 150 30.54 -14.67 20.40
CA VAL B 150 29.98 -14.41 19.09
C VAL B 150 28.66 -15.10 19.05
N LYS B 151 27.73 -14.58 18.23
CA LYS B 151 26.40 -15.14 18.07
C LYS B 151 26.29 -15.49 16.62
N GLU B 152 25.73 -16.68 16.35
CA GLU B 152 25.45 -17.16 15.03
C GLU B 152 24.11 -17.82 15.11
N SER B 153 23.31 -17.61 14.05
CA SER B 153 22.00 -18.16 13.92
C SER B 153 21.89 -18.40 12.45
N SER B 154 21.37 -19.59 12.08
CA SER B 154 21.11 -19.93 10.72
C SER B 154 19.88 -20.78 10.80
N SER B 155 18.91 -20.52 9.89
CA SER B 155 17.64 -21.19 9.88
C SER B 155 17.79 -22.65 9.59
N GLY B 156 16.98 -23.48 10.29
CA GLY B 156 16.97 -24.92 10.15
C GLY B 156 16.16 -25.29 8.95
N LYS B 157 15.42 -26.42 9.08
CA LYS B 157 14.58 -26.96 8.04
C LYS B 157 13.35 -26.09 7.92
N PHE B 158 13.25 -25.38 6.78
CA PHE B 158 12.14 -24.53 6.44
C PHE B 158 11.51 -25.09 5.19
N LYS B 159 10.20 -24.82 5.04
CA LYS B 159 9.47 -25.22 3.87
C LYS B 159 8.69 -23.98 3.53
N ARG B 160 8.25 -23.88 2.26
CA ARG B 160 7.34 -22.86 1.80
C ARG B 160 6.25 -23.54 1.01
N VAL B 161 4.96 -23.30 1.38
CA VAL B 161 3.80 -23.85 0.70
C VAL B 161 3.16 -22.68 0.03
N ILE B 162 3.06 -22.69 -1.32
CA ILE B 162 2.58 -21.55 -2.07
C ILE B 162 1.22 -21.95 -2.56
N THR B 163 0.20 -21.14 -2.19
CA THR B 163 -1.18 -21.32 -2.55
C THR B 163 -1.52 -20.36 -3.65
N LEU B 164 -1.94 -20.88 -4.83
CA LEU B 164 -2.33 -20.06 -5.95
C LEU B 164 -3.75 -20.42 -6.32
N PRO B 165 -4.75 -19.59 -6.03
CA PRO B 165 -6.06 -19.69 -6.64
C PRO B 165 -6.03 -18.80 -7.88
N ASP B 166 -5.43 -19.30 -8.99
CA ASP B 166 -5.09 -18.49 -10.13
C ASP B 166 -5.80 -18.96 -11.37
N TYR B 167 -6.75 -19.92 -11.23
CA TYR B 167 -7.49 -20.57 -12.31
C TYR B 167 -6.63 -21.60 -13.02
N PRO B 168 -7.20 -22.67 -13.61
CA PRO B 168 -6.47 -23.62 -14.45
C PRO B 168 -5.72 -22.97 -15.60
N GLY B 169 -4.52 -23.49 -15.92
CA GLY B 169 -3.68 -23.01 -16.98
C GLY B 169 -2.29 -22.77 -16.45
N VAL B 170 -2.07 -23.11 -15.16
CA VAL B 170 -0.78 -23.10 -14.51
C VAL B 170 0.05 -24.24 -15.06
N ASP B 171 1.38 -24.04 -15.14
CA ASP B 171 2.31 -25.00 -15.71
C ASP B 171 3.06 -25.54 -14.53
N ALA B 172 3.26 -26.88 -14.52
CA ALA B 172 3.91 -27.58 -13.43
C ALA B 172 5.17 -28.24 -13.93
N ASP B 173 5.65 -27.87 -15.14
CA ASP B 173 6.82 -28.46 -15.73
C ASP B 173 7.70 -27.35 -16.26
N ASN B 174 7.14 -26.10 -16.33
CA ASN B 174 7.86 -24.96 -16.85
C ASN B 174 8.33 -24.10 -15.71
N ILE B 175 8.24 -24.61 -14.45
CA ILE B 175 8.73 -23.96 -13.24
C ILE B 175 10.23 -23.82 -13.35
N LYS B 176 10.76 -22.62 -13.04
CA LYS B 176 12.18 -22.34 -13.08
C LYS B 176 12.53 -21.68 -11.79
N ALA B 177 13.60 -22.20 -11.14
CA ALA B 177 14.12 -21.65 -9.92
C ALA B 177 15.53 -21.26 -10.26
N ASP B 178 15.90 -20.03 -9.87
CA ASP B 178 17.18 -19.43 -10.16
C ASP B 178 17.80 -19.15 -8.83
N TYR B 179 19.09 -19.53 -8.68
CA TYR B 179 19.85 -19.33 -7.47
C TYR B 179 20.95 -18.37 -7.83
N ALA B 180 21.07 -17.25 -7.08
CA ALA B 180 22.14 -16.32 -7.30
C ALA B 180 22.09 -15.35 -6.16
N ASN B 181 23.29 -14.89 -5.73
CA ASN B 181 23.50 -13.89 -4.70
C ASN B 181 22.92 -14.24 -3.35
N GLY B 182 22.66 -15.54 -3.08
CA GLY B 182 22.00 -15.99 -1.87
C GLY B 182 20.57 -15.57 -1.82
N VAL B 183 19.87 -15.59 -2.98
CA VAL B 183 18.48 -15.23 -3.07
C VAL B 183 17.90 -16.36 -3.86
N LEU B 184 16.78 -16.95 -3.35
CA LEU B 184 15.97 -17.89 -4.10
C LEU B 184 15.07 -17.06 -4.98
N THR B 185 15.09 -17.32 -6.31
CA THR B 185 14.29 -16.62 -7.28
C THR B 185 13.42 -17.64 -7.92
N LEU B 186 12.09 -17.42 -7.89
CA LEU B 186 11.09 -18.36 -8.33
C LEU B 186 10.20 -17.61 -9.25
N THR B 187 9.97 -18.18 -10.45
CA THR B 187 9.04 -17.68 -11.41
C THR B 187 8.15 -18.85 -11.70
N VAL B 188 6.82 -18.69 -11.47
CA VAL B 188 5.84 -19.72 -11.74
C VAL B 188 5.10 -19.24 -12.96
N PRO B 189 5.19 -19.93 -14.09
CA PRO B 189 4.23 -19.79 -15.18
C PRO B 189 3.08 -20.73 -14.93
N LYS B 190 1.80 -20.39 -15.27
CA LYS B 190 1.28 -19.15 -15.80
C LYS B 190 1.84 -18.65 -17.11
N LEU B 191 1.53 -19.37 -18.21
CA LEU B 191 1.57 -18.82 -19.55
C LEU B 191 0.17 -18.81 -20.09
N LYS B 192 -0.84 -19.01 -19.21
CA LYS B 192 -2.22 -19.06 -19.60
C LYS B 192 -3.03 -18.80 -18.35
N PRO B 193 -3.61 -17.62 -18.13
CA PRO B 193 -4.36 -17.33 -16.92
C PRO B 193 -5.74 -17.97 -17.00
N GLN B 194 -6.44 -17.83 -18.14
CA GLN B 194 -7.81 -18.26 -18.34
C GLN B 194 -7.86 -19.75 -18.51
N LYS B 195 -9.02 -20.36 -18.17
CA LYS B 195 -9.32 -21.72 -18.51
C LYS B 195 -10.20 -21.73 -19.75
N ASP B 196 -10.52 -20.51 -20.26
CA ASP B 196 -11.31 -20.30 -21.45
C ASP B 196 -10.39 -20.43 -22.65
N GLY B 197 -10.98 -20.45 -23.88
CA GLY B 197 -10.25 -20.55 -25.13
C GLY B 197 -9.45 -19.33 -25.42
N LYS B 198 -9.99 -18.13 -25.10
CA LYS B 198 -9.28 -16.88 -25.19
C LYS B 198 -8.53 -16.70 -23.89
N ASN B 199 -7.24 -16.33 -24.01
CA ASN B 199 -6.32 -16.24 -22.89
C ASN B 199 -5.83 -14.83 -22.79
N HIS B 200 -5.88 -14.29 -21.54
CA HIS B 200 -5.43 -12.97 -21.16
C HIS B 200 -6.46 -11.92 -21.54
N VAL B 201 -7.74 -12.34 -21.74
CA VAL B 201 -8.77 -11.47 -22.26
C VAL B 201 -9.84 -11.37 -21.22
N LYS B 202 -10.10 -10.12 -20.78
CA LYS B 202 -11.25 -9.73 -20.01
C LYS B 202 -11.74 -8.51 -20.73
N LYS B 203 -13.01 -8.53 -21.19
CA LYS B 203 -13.61 -7.46 -21.94
C LYS B 203 -14.32 -6.55 -20.98
N ILE B 204 -14.24 -5.21 -21.22
CA ILE B 204 -14.76 -4.20 -20.35
C ILE B 204 -15.72 -3.32 -21.13
N GLU B 205 -16.24 -2.26 -20.48
CA GLU B 205 -17.13 -1.23 -21.01
C GLU B 205 -16.53 -0.57 -22.23
N VAL B 206 -17.38 -0.29 -23.25
CA VAL B 206 -16.94 0.22 -24.53
C VAL B 206 -17.79 1.40 -24.91
N SER B 207 -18.93 1.62 -24.22
CA SER B 207 -19.80 2.73 -24.51
C SER B 207 -20.62 2.95 -23.27
N SER B 208 -21.34 4.10 -23.21
CA SER B 208 -22.17 4.44 -22.08
C SER B 208 -23.13 5.53 -22.51
N GLN B 209 -23.27 5.73 -23.84
CA GLN B 209 -24.06 6.72 -24.56
C GLN B 209 -23.68 8.15 -24.24
N GLU B 210 -22.53 8.34 -23.55
CA GLU B 210 -22.00 9.62 -23.17
C GLU B 210 -20.52 9.38 -23.16
N SER B 211 -19.72 10.44 -23.41
CA SER B 211 -18.28 10.36 -23.49
C SER B 211 -17.64 9.90 -22.21
N TRP B 212 -18.11 10.43 -21.06
CA TRP B 212 -17.73 9.96 -19.75
C TRP B 212 -19.03 9.67 -19.06
N GLY B 213 -19.64 10.72 -18.44
CA GLY B 213 -20.86 10.59 -17.72
C GLY B 213 -21.05 11.90 -17.03
N ASN B 214 -22.28 12.46 -17.13
CA ASN B 214 -22.61 13.71 -16.49
C ASN B 214 -24.13 13.91 -16.50
N TYR C 63 -9.19 18.81 16.45
CA TYR C 63 -10.60 18.72 16.01
C TYR C 63 -11.30 17.65 16.83
N ASP C 64 -11.25 16.39 16.33
CA ASP C 64 -11.73 15.20 17.00
C ASP C 64 -10.61 14.69 17.87
N PRO C 65 -10.78 13.66 18.71
CA PRO C 65 -9.76 13.32 19.70
C PRO C 65 -8.51 12.76 19.09
N ARG C 66 -8.62 11.96 18.00
CA ARG C 66 -7.50 11.25 17.45
C ARG C 66 -7.63 11.22 15.94
N ASP C 67 -8.48 10.31 15.42
CA ASP C 67 -8.45 9.80 14.06
C ASP C 67 -8.63 10.83 12.96
N GLU C 68 -9.59 11.77 13.12
CA GLU C 68 -10.04 12.60 12.03
C GLU C 68 -9.35 13.94 12.02
N THR C 69 -8.35 14.15 12.91
CA THR C 69 -7.61 15.38 12.98
C THR C 69 -6.37 15.26 12.13
N LEU C 70 -5.77 14.05 12.09
CA LEU C 70 -4.47 13.85 11.49
C LEU C 70 -4.57 13.49 10.03
N ASP C 71 -5.72 12.96 9.57
CA ASP C 71 -5.86 12.37 8.25
C ASP C 71 -6.33 13.38 7.21
N ASP C 72 -6.17 14.69 7.49
CA ASP C 72 -6.76 15.75 6.71
C ASP C 72 -5.85 16.31 5.64
N TRP C 73 -4.61 15.81 5.51
CA TRP C 73 -3.63 16.31 4.56
C TRP C 73 -3.49 15.37 3.39
N PHE C 74 -2.83 15.89 2.32
CA PHE C 74 -2.77 15.41 0.96
C PHE C 74 -2.18 14.01 0.81
N ASP C 75 -2.62 13.29 -0.25
CA ASP C 75 -2.20 11.98 -0.71
C ASP C 75 -3.13 10.88 -0.27
N ASN C 76 -4.18 11.20 0.50
CA ASN C 76 -5.28 10.29 0.69
C ASN C 76 -6.34 11.08 1.39
N ASP C 77 -7.25 11.64 0.57
CA ASP C 77 -8.50 12.25 0.94
C ASP C 77 -8.34 13.51 1.76
N LEU C 78 -9.49 14.22 1.96
CA LEU C 78 -9.66 15.39 2.78
C LEU C 78 -8.87 16.59 2.30
N SER C 79 -9.20 17.74 2.91
CA SER C 79 -8.46 18.98 2.85
C SER C 79 -8.35 19.34 4.30
N LEU C 80 -7.40 20.25 4.67
CA LEU C 80 -7.20 20.64 6.06
C LEU C 80 -8.47 21.21 6.63
N PHE C 81 -8.82 20.72 7.84
CA PHE C 81 -10.13 20.91 8.40
C PHE C 81 -9.99 21.06 9.90
N PRO C 82 -9.49 22.18 10.43
CA PRO C 82 -9.58 22.49 11.85
C PRO C 82 -10.97 23.02 12.12
N SER C 83 -11.65 22.48 13.17
CA SER C 83 -12.98 22.88 13.60
C SER C 83 -14.00 22.78 12.49
N GLY C 84 -15.05 23.61 12.53
CA GLY C 84 -16.12 23.59 11.57
C GLY C 84 -17.37 23.95 12.28
N PHE C 85 -18.32 24.54 11.53
CA PHE C 85 -19.63 24.93 12.00
C PHE C 85 -20.57 24.08 11.20
N GLY C 86 -21.73 23.73 11.81
CA GLY C 86 -22.70 22.83 11.23
C GLY C 86 -23.34 23.46 10.03
N PHE C 87 -23.63 22.63 9.01
CA PHE C 87 -24.36 23.04 7.84
C PHE C 87 -25.62 22.20 7.94
N PRO C 88 -26.81 22.74 8.22
CA PRO C 88 -28.05 21.97 8.31
C PRO C 88 -28.35 21.28 7.01
N ARG C 89 -28.73 19.99 7.02
CA ARG C 89 -28.86 19.26 5.79
C ARG C 89 -29.49 17.94 6.12
N SER C 90 -30.06 17.29 5.09
CA SER C 90 -30.42 15.89 5.14
C SER C 90 -29.49 15.22 4.17
N VAL C 91 -28.74 14.22 4.67
CA VAL C 91 -27.67 13.50 3.99
C VAL C 91 -26.44 14.39 3.91
N ALA C 92 -25.31 13.89 4.47
CA ALA C 92 -24.09 14.65 4.62
C ALA C 92 -23.13 14.23 3.56
N VAL C 93 -22.78 15.16 2.64
CA VAL C 93 -21.85 14.92 1.56
C VAL C 93 -21.04 16.20 1.43
N PRO C 94 -19.70 16.17 1.32
CA PRO C 94 -18.80 17.33 1.30
C PRO C 94 -19.05 18.33 0.20
N VAL C 95 -18.48 19.56 0.39
CA VAL C 95 -18.55 20.67 -0.53
C VAL C 95 -17.14 21.21 -0.58
N ASP C 96 -16.62 21.52 -1.80
CA ASP C 96 -15.33 22.15 -1.99
C ASP C 96 -15.57 23.63 -2.08
N ILE C 97 -14.78 24.43 -1.35
CA ILE C 97 -14.85 25.86 -1.39
C ILE C 97 -13.53 26.34 -1.93
N LEU C 98 -13.50 26.91 -3.15
CA LEU C 98 -12.32 27.52 -3.72
C LEU C 98 -12.38 28.99 -3.43
N ASP C 99 -11.61 29.45 -2.41
CA ASP C 99 -11.61 30.81 -1.94
C ASP C 99 -10.78 31.67 -2.84
N HIS C 100 -11.39 32.77 -3.34
CA HIS C 100 -10.75 33.77 -4.14
C HIS C 100 -11.57 35.01 -3.88
N ASP C 101 -11.07 36.19 -4.31
CA ASP C 101 -11.77 37.44 -4.15
C ASP C 101 -12.29 37.90 -5.49
N ASN C 102 -12.01 37.13 -6.57
CA ASN C 102 -12.55 37.40 -7.88
C ASN C 102 -13.65 36.43 -8.19
N ASN C 103 -13.75 35.30 -7.44
CA ASN C 103 -14.85 34.39 -7.63
C ASN C 103 -14.96 33.56 -6.37
N TYR C 104 -15.94 32.65 -6.30
CA TYR C 104 -16.14 31.78 -5.17
C TYR C 104 -16.78 30.51 -5.71
N GLU C 105 -16.31 29.32 -5.26
CA GLU C 105 -16.74 28.03 -5.76
C GLU C 105 -17.57 27.32 -4.72
N LEU C 106 -18.64 26.62 -5.18
CA LEU C 106 -19.48 25.76 -4.38
C LEU C 106 -19.72 24.58 -5.28
N LYS C 107 -19.18 23.38 -4.95
CA LYS C 107 -19.51 22.18 -5.70
C LYS C 107 -20.19 21.32 -4.69
N VAL C 108 -21.48 20.99 -4.96
CA VAL C 108 -22.26 20.17 -4.08
C VAL C 108 -22.38 18.87 -4.81
N VAL C 109 -21.75 17.80 -4.27
CA VAL C 109 -21.80 16.47 -4.84
C VAL C 109 -23.19 15.92 -4.65
N VAL C 110 -23.96 15.88 -5.76
CA VAL C 110 -25.32 15.41 -5.80
C VAL C 110 -25.28 13.90 -5.65
N PRO C 111 -26.12 13.21 -4.85
CA PRO C 111 -25.88 11.80 -4.54
C PRO C 111 -26.41 10.84 -5.60
N GLY C 112 -25.85 10.84 -6.84
CA GLY C 112 -26.19 9.90 -7.87
C GLY C 112 -27.62 10.05 -8.30
N VAL C 113 -28.03 11.30 -8.57
CA VAL C 113 -29.38 11.63 -8.97
C VAL C 113 -29.34 11.74 -10.47
N LYS C 114 -30.23 11.00 -11.15
CA LYS C 114 -30.29 10.91 -12.59
C LYS C 114 -30.87 12.15 -13.21
N SER C 115 -31.73 12.86 -12.43
CA SER C 115 -32.35 14.11 -12.83
C SER C 115 -31.46 15.23 -12.38
N LYS C 116 -31.82 16.47 -12.77
CA LYS C 116 -31.08 17.65 -12.42
C LYS C 116 -32.01 18.82 -12.60
N LYS C 117 -33.20 18.58 -13.22
CA LYS C 117 -34.19 19.59 -13.50
C LYS C 117 -35.18 19.70 -12.36
N ASP C 118 -35.03 18.82 -11.33
CA ASP C 118 -35.87 18.78 -10.16
C ASP C 118 -35.07 19.23 -8.97
N ILE C 119 -33.85 19.78 -9.22
CA ILE C 119 -33.00 20.33 -8.19
C ILE C 119 -33.12 21.82 -8.35
N ASP C 120 -33.77 22.49 -7.36
CA ASP C 120 -33.96 23.91 -7.33
C ASP C 120 -32.86 24.51 -6.49
N ILE C 121 -32.15 25.49 -7.08
CA ILE C 121 -31.02 26.19 -6.51
C ILE C 121 -31.43 27.62 -6.39
N GLU C 122 -31.33 28.20 -5.18
CA GLU C 122 -31.75 29.56 -4.93
C GLU C 122 -31.00 30.06 -3.75
N TYR C 123 -30.98 31.41 -3.60
CA TYR C 123 -30.23 32.08 -2.57
C TYR C 123 -31.20 32.92 -1.78
N HIS C 124 -31.07 32.83 -0.45
CA HIS C 124 -31.71 33.68 0.52
C HIS C 124 -30.82 34.86 0.76
N GLN C 125 -31.33 36.06 0.46
CA GLN C 125 -30.76 37.33 0.87
C GLN C 125 -31.34 37.71 2.20
N ASN C 126 -32.14 36.80 2.81
CA ASN C 126 -32.74 36.97 4.11
C ASN C 126 -32.01 36.12 5.11
N LYS C 127 -30.98 35.36 4.67
CA LYS C 127 -30.27 34.46 5.54
C LYS C 127 -28.79 34.54 5.26
N ASN C 128 -28.42 34.90 4.01
CA ASN C 128 -27.06 34.86 3.50
C ASN C 128 -26.62 33.41 3.37
N GLN C 129 -27.51 32.55 2.84
CA GLN C 129 -27.24 31.14 2.73
C GLN C 129 -27.78 30.68 1.41
N ILE C 130 -27.06 29.71 0.78
CA ILE C 130 -27.41 29.06 -0.47
C ILE C 130 -28.27 27.87 -0.11
N LEU C 131 -29.48 27.80 -0.68
CA LEU C 131 -30.47 26.79 -0.35
C LEU C 131 -30.68 25.96 -1.59
N VAL C 132 -30.27 24.67 -1.55
CA VAL C 132 -30.45 23.76 -2.65
C VAL C 132 -31.19 22.56 -2.11
N SER C 133 -32.27 22.15 -2.82
CA SER C 133 -33.11 21.05 -2.41
C SER C 133 -33.26 20.14 -3.61
N GLY C 134 -33.45 18.83 -3.38
CA GLY C 134 -33.73 17.91 -4.47
C GLY C 134 -34.23 16.61 -3.90
N GLU C 135 -34.55 15.66 -4.81
CA GLU C 135 -35.09 14.36 -4.47
C GLU C 135 -34.11 13.30 -4.88
N ILE C 136 -33.77 12.40 -3.93
CA ILE C 136 -32.88 11.26 -4.11
C ILE C 136 -33.70 10.17 -4.79
N PRO C 137 -33.22 9.45 -5.81
CA PRO C 137 -33.91 8.34 -6.45
C PRO C 137 -34.39 7.28 -5.50
N SER C 138 -35.54 6.65 -5.81
CA SER C 138 -36.16 5.67 -4.97
C SER C 138 -36.85 4.74 -5.92
N THR C 139 -37.18 3.52 -5.42
CA THR C 139 -37.86 2.51 -6.19
C THR C 139 -39.00 2.02 -5.32
N LEU C 140 -40.02 1.41 -5.97
CA LEU C 140 -41.19 0.86 -5.34
C LEU C 140 -41.29 -0.55 -5.82
N ASN C 141 -41.87 -1.44 -4.98
CA ASN C 141 -41.90 -2.87 -5.18
C ASN C 141 -42.74 -3.22 -6.40
N GLU C 142 -42.07 -3.78 -7.44
CA GLU C 142 -42.67 -4.08 -8.71
C GLU C 142 -42.03 -5.34 -9.24
N GLU C 143 -42.70 -5.97 -10.22
CA GLU C 143 -42.32 -7.18 -10.91
C GLU C 143 -41.04 -7.05 -11.69
N SER C 144 -40.86 -5.88 -12.37
CA SER C 144 -39.75 -5.60 -13.25
C SER C 144 -38.72 -4.77 -12.52
N LYS C 145 -38.60 -4.97 -11.18
CA LYS C 145 -37.74 -4.20 -10.34
C LYS C 145 -36.93 -5.18 -9.52
N ASP C 146 -37.40 -6.46 -9.38
CA ASP C 146 -36.95 -7.51 -8.46
C ASP C 146 -35.47 -7.47 -8.09
N LYS C 147 -35.19 -7.43 -6.77
CA LYS C 147 -33.87 -7.21 -6.24
C LYS C 147 -33.26 -8.50 -5.78
N VAL C 148 -31.96 -8.43 -5.43
CA VAL C 148 -31.22 -9.47 -4.75
C VAL C 148 -30.55 -8.81 -3.58
N LYS C 149 -30.19 -7.50 -3.70
CA LYS C 149 -29.59 -6.74 -2.62
C LYS C 149 -30.07 -5.33 -2.73
N VAL C 150 -30.16 -4.63 -1.57
CA VAL C 150 -30.56 -3.25 -1.49
C VAL C 150 -29.84 -2.64 -0.34
N LYS C 151 -29.25 -1.44 -0.56
CA LYS C 151 -28.70 -0.58 0.47
C LYS C 151 -28.87 0.85 0.01
N GLU C 152 -29.75 1.09 -0.99
CA GLU C 152 -29.92 2.35 -1.70
C GLU C 152 -30.31 3.46 -0.76
N SER C 153 -29.36 4.39 -0.47
CA SER C 153 -29.52 5.58 0.34
C SER C 153 -30.10 5.25 1.71
N SER C 154 -30.84 6.20 2.31
CA SER C 154 -31.55 6.02 3.55
C SER C 154 -32.52 7.17 3.67
N SER C 155 -32.63 7.99 2.60
CA SER C 155 -33.54 9.09 2.51
C SER C 155 -33.96 9.14 1.07
N GLY C 156 -35.11 9.79 0.80
CA GLY C 156 -35.67 9.93 -0.52
C GLY C 156 -35.66 11.37 -0.93
N LYS C 157 -35.30 12.28 0.01
CA LYS C 157 -35.30 13.70 -0.21
C LYS C 157 -33.98 14.20 0.33
N PHE C 158 -33.34 15.20 -0.35
CA PHE C 158 -32.07 15.74 0.07
C PHE C 158 -32.20 17.24 0.12
N LYS C 159 -31.60 17.84 1.17
CA LYS C 159 -31.62 19.27 1.36
C LYS C 159 -30.24 19.59 1.86
N ARG C 160 -29.67 20.72 1.38
CA ARG C 160 -28.47 21.31 1.94
C ARG C 160 -28.77 22.75 2.17
N VAL C 161 -28.40 23.24 3.37
CA VAL C 161 -28.42 24.62 3.77
C VAL C 161 -26.97 24.94 4.05
N ILE C 162 -26.40 25.93 3.33
CA ILE C 162 -24.97 26.20 3.36
C ILE C 162 -24.81 27.66 3.72
N THR C 163 -24.12 27.92 4.86
CA THR C 163 -23.70 29.25 5.27
C THR C 163 -22.30 29.39 4.73
N LEU C 164 -22.04 30.50 4.01
CA LEU C 164 -20.79 30.74 3.33
C LEU C 164 -19.83 31.39 4.32
N PRO C 165 -18.63 30.87 4.60
CA PRO C 165 -17.64 31.56 5.42
C PRO C 165 -16.75 32.34 4.49
N ASP C 166 -17.35 33.24 3.67
CA ASP C 166 -16.67 34.02 2.67
C ASP C 166 -16.42 35.42 3.16
N TYR C 167 -16.86 35.75 4.41
CA TYR C 167 -16.60 36.99 5.10
C TYR C 167 -17.49 38.10 4.54
N PRO C 168 -17.88 39.14 5.30
CA PRO C 168 -18.78 40.19 4.82
C PRO C 168 -18.24 40.85 3.58
N GLY C 169 -19.07 40.94 2.52
CA GLY C 169 -18.64 41.28 1.19
C GLY C 169 -19.20 40.27 0.24
N VAL C 170 -20.20 39.46 0.69
CA VAL C 170 -20.84 38.43 -0.11
C VAL C 170 -21.52 39.03 -1.34
N ASP C 171 -21.41 38.30 -2.48
CA ASP C 171 -22.08 38.60 -3.70
C ASP C 171 -22.54 37.24 -4.15
N ALA C 172 -23.82 37.12 -4.51
CA ALA C 172 -24.41 35.83 -4.92
C ALA C 172 -25.70 36.11 -5.68
N ASP C 173 -25.95 37.35 -5.99
CA ASP C 173 -27.20 37.85 -6.52
C ASP C 173 -26.89 37.81 -8.00
N ASN C 174 -25.63 37.48 -8.36
CA ASN C 174 -25.20 37.32 -9.73
C ASN C 174 -24.96 35.85 -10.00
N ILE C 175 -25.27 34.98 -9.00
CA ILE C 175 -25.14 33.54 -8.96
C ILE C 175 -25.41 32.83 -10.27
N LYS C 176 -24.49 31.94 -10.71
CA LYS C 176 -24.67 31.11 -11.87
C LYS C 176 -24.38 29.69 -11.49
N ALA C 177 -25.02 28.72 -12.18
CA ALA C 177 -24.95 27.32 -11.85
C ALA C 177 -24.60 26.56 -13.09
N ASP C 178 -24.07 25.31 -12.89
CA ASP C 178 -23.75 24.33 -13.89
C ASP C 178 -23.97 22.99 -13.21
N TYR C 179 -24.28 21.93 -14.00
CA TYR C 179 -24.34 20.58 -13.47
C TYR C 179 -23.35 19.79 -14.29
N ALA C 180 -22.24 19.35 -13.67
CA ALA C 180 -21.18 18.65 -14.36
C ALA C 180 -20.85 17.38 -13.63
N ASN C 181 -20.82 16.23 -14.34
CA ASN C 181 -20.31 14.95 -13.88
C ASN C 181 -21.12 14.38 -12.73
N GLY C 182 -22.46 14.57 -12.75
CA GLY C 182 -23.33 14.10 -11.69
C GLY C 182 -23.18 14.89 -10.42
N VAL C 183 -22.61 16.12 -10.52
CA VAL C 183 -22.30 16.97 -9.41
C VAL C 183 -22.75 18.35 -9.79
N LEU C 184 -23.50 19.00 -8.88
CA LEU C 184 -23.96 20.35 -9.03
C LEU C 184 -22.80 21.26 -8.68
N THR C 185 -22.44 22.18 -9.61
CA THR C 185 -21.34 23.09 -9.39
C THR C 185 -21.90 24.48 -9.55
N LEU C 186 -21.67 25.37 -8.55
CA LEU C 186 -22.20 26.70 -8.59
C LEU C 186 -20.99 27.57 -8.54
N THR C 187 -20.85 28.46 -9.55
CA THR C 187 -19.74 29.38 -9.64
C THR C 187 -20.36 30.68 -9.21
N VAL C 188 -19.89 31.24 -8.08
CA VAL C 188 -20.48 32.38 -7.42
C VAL C 188 -19.68 33.62 -7.75
N PRO C 189 -20.10 34.62 -8.52
CA PRO C 189 -19.33 35.84 -8.76
C PRO C 189 -19.02 36.62 -7.51
N LYS C 190 -17.82 37.25 -7.44
CA LYS C 190 -17.39 38.03 -6.30
C LYS C 190 -16.72 39.26 -6.84
N LEU C 191 -17.12 40.44 -6.31
CA LEU C 191 -16.45 41.70 -6.53
C LEU C 191 -16.01 42.26 -5.19
N LYS C 192 -16.32 41.54 -4.10
CA LYS C 192 -16.02 41.92 -2.74
C LYS C 192 -15.70 40.65 -2.00
N PRO C 193 -15.01 40.67 -0.87
CA PRO C 193 -14.40 41.83 -0.25
C PRO C 193 -12.98 41.96 -0.73
N GLN C 194 -12.46 43.21 -0.69
CA GLN C 194 -11.04 43.47 -0.75
C GLN C 194 -10.69 44.25 0.49
N LYS C 195 -11.72 44.61 1.29
CA LYS C 195 -11.56 45.30 2.54
C LYS C 195 -12.84 45.09 3.29
N ASP C 196 -12.83 45.41 4.60
CA ASP C 196 -13.97 45.40 5.49
C ASP C 196 -14.39 44.00 5.82
N GLY C 197 -13.40 43.15 6.19
CA GLY C 197 -13.59 41.79 6.64
C GLY C 197 -13.83 41.81 8.13
N LYS C 198 -13.05 40.98 8.86
CA LYS C 198 -13.01 40.92 10.30
C LYS C 198 -12.60 42.24 10.92
N ASN C 199 -11.58 42.89 10.33
CA ASN C 199 -11.14 44.21 10.70
C ASN C 199 -11.50 45.10 9.55
N HIS C 200 -12.11 46.27 9.87
CA HIS C 200 -12.55 47.26 8.91
C HIS C 200 -11.33 47.93 8.34
N VAL C 201 -11.08 47.68 7.02
CA VAL C 201 -9.91 48.06 6.29
C VAL C 201 -8.74 47.24 6.75
N LYS C 202 -8.19 46.38 5.86
CA LYS C 202 -7.18 45.40 6.19
C LYS C 202 -5.90 46.07 6.63
N LYS C 203 -5.25 45.51 7.68
CA LYS C 203 -4.04 46.03 8.26
C LYS C 203 -3.11 44.87 8.42
N ILE C 204 -2.81 44.19 7.29
CA ILE C 204 -1.93 43.05 7.22
C ILE C 204 -0.51 43.53 7.36
N GLU C 205 0.40 42.63 7.78
CA GLU C 205 1.79 42.93 8.03
C GLU C 205 2.50 43.30 6.75
N VAL C 206 3.09 44.51 6.72
CA VAL C 206 3.73 45.07 5.55
C VAL C 206 4.95 45.81 6.03
N SER C 207 5.16 45.91 7.36
CA SER C 207 6.26 46.62 7.95
C SER C 207 6.96 45.69 8.90
N SER C 208 8.26 45.95 9.13
CA SER C 208 9.10 45.19 10.00
C SER C 208 10.35 46.00 10.25
N GLN C 209 10.47 47.16 9.56
CA GLN C 209 11.49 48.17 9.70
C GLN C 209 12.81 47.74 9.08
N GLU C 210 12.82 46.58 8.38
CA GLU C 210 13.97 46.02 7.74
C GLU C 210 13.45 45.22 6.57
N SER C 211 14.32 44.43 5.91
CA SER C 211 13.98 43.55 4.82
C SER C 211 12.98 42.47 5.18
N TRP C 212 13.13 41.85 6.39
CA TRP C 212 12.15 40.97 6.98
C TRP C 212 12.27 41.10 8.48
N GLY C 213 13.42 41.62 8.96
CA GLY C 213 13.68 41.84 10.36
C GLY C 213 14.50 40.70 10.87
N ASN C 214 15.52 41.02 11.70
CA ASN C 214 16.44 40.06 12.23
C ASN C 214 17.13 40.66 13.48
N ASN D 76 -38.83 2.57 0.92
CA ASN D 76 -39.24 3.70 0.03
C ASN D 76 -38.07 4.60 -0.32
N ASP D 77 -36.84 4.19 0.03
CA ASP D 77 -35.60 4.89 -0.37
C ASP D 77 -34.80 3.73 -0.86
N LEU D 78 -35.11 2.57 -0.31
CA LEU D 78 -34.50 1.35 -0.74
C LEU D 78 -35.67 0.66 -1.39
N SER D 79 -36.46 -0.14 -0.64
CA SER D 79 -37.64 -0.83 -1.07
C SER D 79 -37.79 -1.99 -0.14
N LEU D 80 -38.98 -2.64 -0.19
CA LEU D 80 -39.27 -3.84 0.54
C LEU D 80 -38.77 -4.98 -0.31
N PHE D 81 -37.93 -5.85 0.28
CA PHE D 81 -37.40 -7.00 -0.39
C PHE D 81 -37.05 -7.99 0.71
N PRO D 82 -37.82 -9.06 0.92
CA PRO D 82 -37.48 -10.15 1.83
C PRO D 82 -36.22 -10.83 1.37
N SER D 83 -35.39 -11.35 2.30
CA SER D 83 -34.13 -11.97 1.96
C SER D 83 -34.38 -13.41 1.60
N GLY D 84 -34.39 -13.69 0.28
CA GLY D 84 -34.51 -15.01 -0.28
C GLY D 84 -33.43 -15.21 -1.29
N PHE D 85 -32.70 -14.12 -1.63
CA PHE D 85 -31.57 -14.14 -2.51
C PHE D 85 -30.53 -13.28 -1.84
N GLY D 86 -29.27 -13.45 -2.27
CA GLY D 86 -28.18 -12.66 -1.75
C GLY D 86 -26.96 -13.12 -2.48
N PHE D 87 -26.08 -12.16 -2.84
CA PHE D 87 -24.81 -12.42 -3.48
C PHE D 87 -23.77 -11.89 -2.53
N PRO D 88 -22.72 -12.65 -2.17
CA PRO D 88 -21.70 -12.24 -1.21
C PRO D 88 -20.92 -11.04 -1.72
N ARG D 89 -20.55 -10.11 -0.81
CA ARG D 89 -19.97 -8.86 -1.20
C ARG D 89 -19.24 -8.25 -0.06
N SER D 90 -18.28 -7.36 -0.39
CA SER D 90 -17.46 -6.64 0.55
C SER D 90 -17.60 -5.19 0.23
N VAL D 91 -17.54 -4.34 1.27
CA VAL D 91 -17.62 -2.89 1.23
C VAL D 91 -19.05 -2.46 0.95
N ALA D 92 -19.61 -1.60 1.85
CA ALA D 92 -20.99 -1.20 1.80
C ALA D 92 -21.06 0.14 1.14
N VAL D 93 -21.81 0.23 0.02
CA VAL D 93 -22.09 1.46 -0.68
C VAL D 93 -23.53 1.34 -1.06
N PRO D 94 -24.26 2.41 -1.40
CA PRO D 94 -25.65 2.35 -1.82
C PRO D 94 -25.81 1.56 -3.10
N VAL D 95 -26.60 0.45 -3.10
CA VAL D 95 -26.73 -0.39 -4.26
C VAL D 95 -28.18 -0.68 -4.45
N ASP D 96 -28.54 -1.12 -5.68
CA ASP D 96 -29.88 -1.49 -5.99
C ASP D 96 -29.79 -2.45 -7.15
N ILE D 97 -29.88 -3.77 -6.85
CA ILE D 97 -30.00 -4.83 -7.85
C ILE D 97 -31.37 -4.71 -8.48
N LEU D 98 -31.44 -4.72 -9.83
CA LEU D 98 -32.69 -4.60 -10.54
C LEU D 98 -32.68 -5.67 -11.58
N ASP D 99 -33.80 -6.43 -11.68
CA ASP D 99 -34.01 -7.42 -12.71
C ASP D 99 -35.30 -7.02 -13.36
N HIS D 100 -35.23 -6.67 -14.66
CA HIS D 100 -36.33 -6.09 -15.39
C HIS D 100 -36.94 -7.12 -16.29
N ASP D 101 -36.30 -7.41 -17.44
CA ASP D 101 -36.80 -8.33 -18.43
C ASP D 101 -36.18 -9.69 -18.22
N ASN D 102 -34.83 -9.76 -18.26
CA ASN D 102 -34.09 -10.98 -18.05
C ASN D 102 -32.66 -10.60 -17.81
N ASN D 103 -32.38 -9.29 -17.64
CA ASN D 103 -31.05 -8.75 -17.48
C ASN D 103 -30.78 -8.63 -16.01
N TYR D 104 -29.48 -8.52 -15.64
CA TYR D 104 -29.08 -8.20 -14.30
C TYR D 104 -28.52 -6.82 -14.40
N GLU D 105 -29.08 -5.93 -13.56
CA GLU D 105 -28.84 -4.52 -13.60
C GLU D 105 -28.55 -4.09 -12.19
N LEU D 106 -27.69 -3.08 -12.01
CA LEU D 106 -27.26 -2.63 -10.70
C LEU D 106 -27.05 -1.16 -10.81
N LYS D 107 -27.57 -0.39 -9.81
CA LYS D 107 -27.46 1.03 -9.74
C LYS D 107 -26.66 1.29 -8.50
N VAL D 108 -25.42 1.79 -8.68
CA VAL D 108 -24.54 2.12 -7.59
C VAL D 108 -24.31 3.60 -7.68
N VAL D 109 -24.33 4.28 -6.50
CA VAL D 109 -24.15 5.70 -6.34
C VAL D 109 -22.67 6.00 -6.37
N VAL D 110 -22.15 6.46 -7.54
CA VAL D 110 -20.77 6.82 -7.73
C VAL D 110 -20.67 8.18 -8.44
N PRO D 111 -21.06 9.31 -7.86
CA PRO D 111 -21.05 10.59 -8.55
C PRO D 111 -19.70 11.24 -8.40
N GLY D 112 -19.34 12.13 -9.36
CA GLY D 112 -18.15 12.93 -9.31
C GLY D 112 -16.91 12.15 -9.57
N VAL D 113 -17.03 11.06 -10.38
CA VAL D 113 -15.91 10.24 -10.77
C VAL D 113 -15.52 10.73 -12.13
N LYS D 114 -14.35 11.40 -12.20
CA LYS D 114 -13.83 11.99 -13.42
C LYS D 114 -13.35 10.87 -14.30
N SER D 115 -13.89 10.80 -15.53
CA SER D 115 -13.66 9.77 -16.51
C SER D 115 -14.42 8.52 -16.12
N LYS D 116 -14.85 7.73 -17.13
CA LYS D 116 -15.56 6.49 -16.92
C LYS D 116 -14.57 5.35 -16.99
N LYS D 117 -13.25 5.68 -17.07
CA LYS D 117 -12.16 4.74 -17.14
C LYS D 117 -11.45 4.72 -15.81
N ASP D 118 -12.02 5.38 -14.78
CA ASP D 118 -11.59 5.24 -13.40
C ASP D 118 -12.48 4.22 -12.72
N ILE D 119 -13.45 3.64 -13.48
CA ILE D 119 -14.28 2.57 -13.02
C ILE D 119 -14.11 1.54 -14.11
N ASP D 120 -13.71 0.30 -13.73
CA ASP D 120 -13.62 -0.80 -14.66
C ASP D 120 -14.84 -1.65 -14.42
N ILE D 121 -15.42 -2.16 -15.53
CA ILE D 121 -16.56 -3.05 -15.49
C ILE D 121 -16.07 -4.28 -16.18
N GLU D 122 -15.70 -5.32 -15.40
CA GLU D 122 -15.04 -6.51 -15.90
C GLU D 122 -16.01 -7.65 -15.75
N TYR D 123 -16.27 -8.39 -16.86
CA TYR D 123 -17.17 -9.52 -16.84
C TYR D 123 -16.30 -10.75 -16.92
N HIS D 124 -16.49 -11.68 -15.96
CA HIS D 124 -15.74 -12.91 -15.82
C HIS D 124 -16.01 -13.81 -16.98
N GLN D 125 -14.93 -14.37 -17.56
CA GLN D 125 -15.00 -15.32 -18.65
C GLN D 125 -14.70 -16.69 -18.09
N ASN D 126 -14.44 -16.79 -16.76
CA ASN D 126 -14.17 -18.03 -16.07
C ASN D 126 -15.17 -18.24 -14.97
N LYS D 127 -16.21 -17.37 -14.85
CA LYS D 127 -17.24 -17.58 -13.85
C LYS D 127 -18.56 -17.24 -14.46
N ASN D 128 -18.57 -16.37 -15.50
CA ASN D 128 -19.76 -15.91 -16.19
C ASN D 128 -20.53 -14.95 -15.28
N GLN D 129 -19.79 -14.02 -14.62
CA GLN D 129 -20.32 -13.14 -13.59
C GLN D 129 -19.75 -11.77 -13.80
N ILE D 130 -20.47 -10.71 -13.34
CA ILE D 130 -20.03 -9.34 -13.44
C ILE D 130 -19.16 -9.04 -12.23
N LEU D 131 -18.26 -8.03 -12.35
CA LEU D 131 -17.35 -7.66 -11.30
C LEU D 131 -16.94 -6.23 -11.55
N VAL D 132 -17.25 -5.29 -10.62
CA VAL D 132 -17.05 -3.88 -10.88
C VAL D 132 -16.22 -3.34 -9.75
N SER D 133 -15.22 -2.49 -10.06
CA SER D 133 -14.47 -1.77 -9.05
C SER D 133 -14.35 -0.36 -9.56
N GLY D 134 -14.12 0.60 -8.64
CA GLY D 134 -13.95 1.98 -9.01
C GLY D 134 -13.22 2.67 -7.91
N GLU D 135 -12.98 3.99 -8.10
CA GLU D 135 -12.38 4.82 -7.10
C GLU D 135 -12.80 6.21 -7.49
N ILE D 136 -13.37 6.98 -6.52
CA ILE D 136 -13.76 8.35 -6.72
C ILE D 136 -12.54 9.16 -6.40
N PRO D 137 -12.00 10.05 -7.27
CA PRO D 137 -10.84 10.89 -7.03
C PRO D 137 -10.75 11.52 -5.66
N SER D 138 -9.57 11.41 -5.01
CA SER D 138 -9.40 11.83 -3.65
C SER D 138 -8.90 13.25 -3.61
N THR D 139 -9.51 14.05 -2.71
CA THR D 139 -9.19 15.44 -2.47
C THR D 139 -7.79 15.53 -1.88
N LEU D 140 -7.03 16.56 -2.30
CA LEU D 140 -5.69 16.83 -1.85
C LEU D 140 -5.74 18.23 -1.30
N ASN D 141 -4.58 18.76 -0.87
CA ASN D 141 -4.47 20.17 -0.54
C ASN D 141 -4.23 20.90 -1.83
N GLU D 142 -4.97 22.02 -2.01
CA GLU D 142 -5.13 22.70 -3.28
C GLU D 142 -4.61 24.09 -3.09
N GLU D 143 -4.24 24.72 -4.23
CA GLU D 143 -3.71 26.06 -4.31
C GLU D 143 -4.78 27.00 -4.81
N SER D 144 -6.01 26.50 -5.09
CA SER D 144 -7.13 27.32 -5.45
C SER D 144 -8.07 27.41 -4.28
N LYS D 145 -7.79 26.65 -3.20
CA LYS D 145 -8.57 26.68 -1.99
C LYS D 145 -7.68 27.13 -0.88
N ASP D 146 -8.20 28.09 -0.08
CA ASP D 146 -7.63 28.47 1.18
C ASP D 146 -8.34 27.61 2.19
N LYS D 147 -7.57 26.97 3.09
CA LYS D 147 -8.09 26.04 4.06
C LYS D 147 -8.50 26.89 5.23
N VAL D 148 -9.76 26.72 5.69
CA VAL D 148 -10.29 27.55 6.75
C VAL D 148 -10.94 26.62 7.75
N LYS D 149 -12.03 25.98 7.30
CA LYS D 149 -12.79 25.08 8.14
C LYS D 149 -13.74 24.30 7.22
N VAL D 150 -13.33 24.02 5.99
CA VAL D 150 -14.22 23.34 5.04
C VAL D 150 -13.94 21.85 4.86
N LYS D 151 -14.94 20.99 5.12
CA LYS D 151 -14.69 19.56 5.00
C LYS D 151 -14.64 19.15 3.55
N GLU D 152 -13.91 18.04 3.29
CA GLU D 152 -13.83 17.40 2.00
C GLU D 152 -13.71 15.94 2.29
N SER D 153 -14.24 15.06 1.40
CA SER D 153 -14.21 13.65 1.61
C SER D 153 -14.49 13.00 0.28
N SER D 154 -14.20 11.68 0.19
CA SER D 154 -14.49 10.85 -0.95
C SER D 154 -14.40 9.44 -0.41
N SER D 155 -14.75 8.44 -1.24
CA SER D 155 -14.58 7.05 -0.90
C SER D 155 -13.50 6.56 -1.82
N GLY D 156 -12.54 5.80 -1.26
CA GLY D 156 -11.35 5.33 -1.92
C GLY D 156 -11.67 4.13 -2.77
N LYS D 157 -10.77 3.11 -2.73
CA LYS D 157 -10.89 1.89 -3.48
C LYS D 157 -12.04 1.08 -2.93
N PHE D 158 -12.84 0.47 -3.83
CA PHE D 158 -13.96 -0.36 -3.45
C PHE D 158 -14.14 -1.38 -4.52
N LYS D 159 -14.76 -2.53 -4.17
CA LYS D 159 -15.00 -3.62 -5.09
C LYS D 159 -16.42 -4.05 -4.90
N ARG D 160 -17.13 -4.29 -6.04
CA ARG D 160 -18.48 -4.82 -6.08
C ARG D 160 -18.32 -6.23 -6.53
N VAL D 161 -18.58 -7.19 -5.60
CA VAL D 161 -18.50 -8.61 -5.88
C VAL D 161 -19.94 -9.00 -6.02
N ILE D 162 -20.35 -9.29 -7.28
CA ILE D 162 -21.68 -9.69 -7.62
C ILE D 162 -21.49 -11.02 -8.27
N THR D 163 -22.25 -12.03 -7.83
CA THR D 163 -22.17 -13.37 -8.37
C THR D 163 -23.44 -13.56 -9.14
N LEU D 164 -23.33 -14.17 -10.34
CA LEU D 164 -24.46 -14.41 -11.20
C LEU D 164 -24.52 -15.90 -11.40
N PRO D 165 -25.48 -16.62 -10.82
CA PRO D 165 -25.71 -18.03 -11.12
C PRO D 165 -26.76 -18.05 -12.22
N ASP D 166 -26.45 -17.43 -13.38
CA ASP D 166 -27.37 -17.25 -14.47
C ASP D 166 -27.14 -18.30 -15.53
N TYR D 167 -26.00 -19.05 -15.45
CA TYR D 167 -25.68 -20.23 -16.23
C TYR D 167 -25.39 -19.89 -17.69
N PRO D 168 -24.63 -20.69 -18.44
CA PRO D 168 -24.42 -20.53 -19.87
C PRO D 168 -25.72 -20.37 -20.65
N GLY D 169 -25.76 -19.37 -21.56
CA GLY D 169 -26.94 -19.00 -22.31
C GLY D 169 -27.11 -17.52 -22.18
N VAL D 170 -26.12 -16.85 -21.57
CA VAL D 170 -26.04 -15.43 -21.38
C VAL D 170 -24.87 -15.01 -22.22
N ASP D 171 -25.01 -13.85 -22.92
CA ASP D 171 -23.99 -13.33 -23.79
C ASP D 171 -22.96 -12.68 -22.92
N ALA D 172 -21.69 -13.13 -23.06
CA ALA D 172 -20.59 -12.67 -22.25
C ALA D 172 -19.80 -11.62 -22.99
N ASP D 173 -20.24 -11.26 -24.22
CA ASP D 173 -19.55 -10.31 -25.07
C ASP D 173 -20.43 -9.12 -25.34
N ASN D 174 -21.65 -9.05 -24.75
CA ASN D 174 -22.59 -7.99 -25.05
C ASN D 174 -22.94 -7.16 -23.83
N ILE D 175 -22.20 -7.34 -22.69
CA ILE D 175 -22.37 -6.55 -21.48
C ILE D 175 -22.03 -5.10 -21.76
N LYS D 176 -22.94 -4.19 -21.35
CA LYS D 176 -22.79 -2.76 -21.52
C LYS D 176 -23.01 -2.15 -20.18
N ALA D 177 -22.22 -1.10 -19.86
CA ALA D 177 -22.34 -0.35 -18.65
C ALA D 177 -22.56 1.06 -19.09
N ASP D 178 -23.43 1.78 -18.37
CA ASP D 178 -23.88 3.11 -18.71
C ASP D 178 -23.63 3.95 -17.50
N TYR D 179 -22.57 4.78 -17.53
CA TYR D 179 -22.26 5.70 -16.46
C TYR D 179 -22.73 7.04 -16.93
N ALA D 180 -23.83 7.55 -16.31
CA ALA D 180 -24.40 8.82 -16.67
C ALA D 180 -25.00 9.42 -15.43
N ASN D 181 -24.82 10.76 -15.24
CA ASN D 181 -25.41 11.55 -14.18
C ASN D 181 -24.96 11.16 -12.79
N GLY D 182 -23.80 10.49 -12.69
CA GLY D 182 -23.27 9.99 -11.45
C GLY D 182 -23.88 8.68 -11.08
N VAL D 183 -24.62 8.04 -12.02
CA VAL D 183 -25.30 6.80 -11.78
C VAL D 183 -24.67 5.84 -12.75
N LEU D 184 -24.18 4.70 -12.22
CA LEU D 184 -23.69 3.62 -13.03
C LEU D 184 -24.83 2.66 -13.16
N THR D 185 -25.22 2.38 -14.42
CA THR D 185 -26.30 1.49 -14.77
C THR D 185 -25.63 0.35 -15.50
N LEU D 186 -25.96 -0.91 -15.14
CA LEU D 186 -25.35 -2.08 -15.74
C LEU D 186 -26.45 -2.81 -16.43
N THR D 187 -26.11 -3.52 -17.52
CA THR D 187 -27.04 -4.35 -18.26
C THR D 187 -26.23 -5.57 -18.57
N VAL D 188 -26.80 -6.77 -18.33
CA VAL D 188 -26.15 -8.02 -18.68
C VAL D 188 -27.18 -8.71 -19.54
N PRO D 189 -27.06 -8.71 -20.86
CA PRO D 189 -27.94 -9.47 -21.73
C PRO D 189 -27.31 -10.83 -21.98
N LYS D 190 -28.08 -11.94 -22.18
CA LYS D 190 -29.52 -12.10 -22.13
C LYS D 190 -30.33 -11.19 -23.02
N LEU D 191 -30.19 -11.35 -24.35
CA LEU D 191 -31.05 -10.72 -25.32
C LEU D 191 -32.42 -11.44 -25.32
N VAL E 201 -37.18 40.42 -3.53
CA VAL E 201 -37.04 39.64 -4.79
C VAL E 201 -36.28 38.38 -4.48
N LYS E 202 -36.78 37.23 -5.00
CA LYS E 202 -36.19 35.93 -4.80
C LYS E 202 -35.72 35.53 -6.16
N LYS E 203 -34.46 35.04 -6.24
CA LYS E 203 -33.82 34.65 -7.46
C LYS E 203 -33.81 33.16 -7.49
N ILE E 204 -33.75 32.57 -8.70
CA ILE E 204 -33.74 31.15 -8.90
C ILE E 204 -32.70 30.89 -9.96
N GLU E 205 -32.29 29.60 -10.06
CA GLU E 205 -31.39 29.10 -11.04
C GLU E 205 -32.11 27.92 -11.65
N VAL E 206 -31.68 27.49 -12.84
CA VAL E 206 -32.44 26.52 -13.62
C VAL E 206 -31.46 25.86 -14.57
N SER E 207 -30.13 26.01 -14.34
CA SER E 207 -29.11 25.46 -15.19
C SER E 207 -29.15 23.95 -15.13
N SER E 208 -29.33 23.33 -16.31
CA SER E 208 -29.56 21.93 -16.46
C SER E 208 -29.06 21.60 -17.83
N GLN E 209 -29.29 20.33 -18.26
CA GLN E 209 -28.86 19.74 -19.51
C GLN E 209 -27.39 19.44 -19.35
N GLU E 210 -26.59 19.54 -20.46
CA GLU E 210 -25.25 19.03 -20.60
C GLU E 210 -25.12 17.59 -20.20
N SER E 211 -25.76 16.70 -21.00
CA SER E 211 -25.89 15.29 -20.73
C SER E 211 -25.26 14.54 -21.88
N TRP E 212 -24.23 15.14 -22.53
CA TRP E 212 -23.55 14.59 -23.69
C TRP E 212 -22.23 13.96 -23.30
N GLY E 213 -21.89 13.95 -21.99
CA GLY E 213 -20.61 13.50 -21.49
C GLY E 213 -19.63 14.62 -21.56
N ASN E 214 -18.36 14.34 -21.21
CA ASN E 214 -17.31 15.33 -21.26
C ASN E 214 -15.98 14.61 -21.55
#